data_6VUX
#
_entry.id   6VUX
#
_cell.length_a   174.946
_cell.length_b   174.946
_cell.length_c   124.497
_cell.angle_alpha   90.000
_cell.angle_beta   90.000
_cell.angle_gamma   120.000
#
_symmetry.space_group_name_H-M   'H 3 2'
#
loop_
_entity.id
_entity.type
_entity.pdbx_description
1 polymer 'N-acetyltransferase Eis'
2 non-polymer 2-{[(7S)-4-amino-7-ethyl-5,6,7,8-tetrahydro[1]benzothieno[2,3-d]pyrimidin-2-yl]sulfanyl}-N-[2-(piperidin-1-yl)ethyl]acetamide
3 non-polymer GLYCEROL
4 non-polymer 'DIMETHYL SULFOXIDE'
5 non-polymer 'SULFATE ION'
6 non-polymer 'SODIUM ION'
7 water water
#
_entity_poly.entity_id   1
_entity_poly.type   'polypeptide(L)'
_entity_poly.pdbx_seq_one_letter_code
;MGSSHHHHHHSSGLVPRGSHMTVTLCSPTEDDWPGMFLLAAASFTDFIGPESATAWRTLVPTDGAVVVRDGAGPGSEVVG
MALYMDLRLTVPGEVVLPTAGLSFVAVAPTHRRRGLLRAMCAELHRRIADSGYPVAALHASEGGIYGRFGYGPATTLHEL
TVDRRFARFHADAPGGGLGGSSVRLVRPTEHRGEFEAIYERWRQQVPGGLLRPQVLWDELLAEAKAAPGGDRESFALLHP
DGYALYRVDRTDLKLARVSELRAVTADAHCALWRALIGLDSMERISIITHPQDPLPHLLTDTRLARTTWRQDGLWLRIMN
VPAALEARGYAHEVGEFSTVLEVSDGGRFALKIGDGRARCTPTDAAAEIEMDRDVLGSLYLGAHRASTLAAANRLRTKDS
QLLRRLDAAFASDVPVQTAFEF
;
_entity_poly.pdbx_strand_id   A
#
# COMPACT_ATOMS: atom_id res chain seq x y z
N VAL A 23 16.85 28.04 -12.35
CA VAL A 23 15.84 26.96 -12.15
C VAL A 23 14.59 27.54 -11.50
N THR A 24 13.42 27.35 -12.13
CA THR A 24 12.08 27.79 -11.62
C THR A 24 11.18 26.56 -11.40
N LEU A 25 10.25 26.65 -10.46
CA LEU A 25 9.29 25.58 -10.10
C LEU A 25 7.86 26.04 -10.43
N CYS A 26 7.17 25.32 -11.31
CA CYS A 26 5.83 25.70 -11.86
C CYS A 26 4.97 24.45 -12.08
N SER A 27 3.65 24.63 -12.18
CA SER A 27 2.73 23.60 -12.74
C SER A 27 3.05 23.44 -14.22
N PRO A 28 3.16 22.21 -14.75
CA PRO A 28 3.50 22.04 -16.16
C PRO A 28 2.38 22.53 -17.08
N THR A 29 2.76 23.15 -18.20
CA THR A 29 1.87 23.41 -19.37
C THR A 29 1.91 22.16 -20.25
N GLU A 30 1.02 22.05 -21.24
CA GLU A 30 0.92 20.84 -22.10
C GLU A 30 2.24 20.65 -22.87
N ASP A 31 2.98 21.74 -23.11
CA ASP A 31 4.31 21.76 -23.78
C ASP A 31 5.36 21.03 -22.94
N ASP A 32 5.18 20.95 -21.62
CA ASP A 32 6.19 20.41 -20.66
C ASP A 32 6.18 18.88 -20.67
N TRP A 33 5.11 18.24 -21.13
CA TRP A 33 4.86 16.78 -20.91
C TRP A 33 5.81 15.91 -21.72
N PRO A 34 6.18 16.25 -22.98
CA PRO A 34 7.22 15.50 -23.70
C PRO A 34 8.53 15.41 -22.91
N GLY A 35 9.00 16.54 -22.37
CA GLY A 35 10.18 16.62 -21.48
C GLY A 35 10.00 15.80 -20.21
N MET A 36 8.78 15.74 -19.68
CA MET A 36 8.46 14.94 -18.46
C MET A 36 8.53 13.44 -18.80
N PHE A 37 8.00 13.03 -19.96
CA PHE A 37 8.02 11.62 -20.42
C PHE A 37 9.46 11.18 -20.75
N LEU A 38 10.30 12.08 -21.25
CA LEU A 38 11.75 11.78 -21.47
C LEU A 38 12.42 11.53 -20.11
N LEU A 39 12.23 12.44 -19.14
CA LEU A 39 12.79 12.27 -17.78
C LEU A 39 12.27 10.96 -17.15
N ALA A 40 11.01 10.62 -17.41
CA ALA A 40 10.36 9.37 -16.90
C ALA A 40 11.08 8.15 -17.48
N ALA A 41 11.17 8.08 -18.80
CA ALA A 41 11.86 6.99 -19.54
C ALA A 41 13.28 6.80 -19.00
N ALA A 42 13.99 7.89 -18.71
CA ALA A 42 15.41 7.86 -18.27
C ALA A 42 15.51 7.56 -16.77
N SER A 43 14.43 7.73 -15.99
CA SER A 43 14.47 7.61 -14.50
C SER A 43 13.86 6.30 -14.03
N PHE A 44 12.85 5.78 -14.74
CA PHE A 44 12.10 4.56 -14.34
C PHE A 44 12.26 3.48 -15.40
N THR A 45 12.89 2.36 -15.05
CA THR A 45 13.16 1.24 -16.00
C THR A 45 11.85 0.54 -16.35
N ASP A 46 10.94 0.42 -15.37
CA ASP A 46 9.64 -0.29 -15.51
C ASP A 46 8.62 0.61 -16.20
N PHE A 47 9.05 1.67 -16.87
CA PHE A 47 8.16 2.69 -17.49
C PHE A 47 7.55 2.11 -18.78
N ILE A 48 6.22 2.01 -18.83
CA ILE A 48 5.44 1.86 -20.09
C ILE A 48 5.32 3.26 -20.71
N GLY A 49 5.25 3.35 -22.03
CA GLY A 49 5.29 4.62 -22.79
C GLY A 49 4.12 5.53 -22.46
N PRO A 50 3.93 6.64 -23.20
CA PRO A 50 2.87 7.61 -22.90
C PRO A 50 1.42 7.10 -22.95
N GLU A 51 1.17 5.88 -23.47
CA GLU A 51 -0.21 5.32 -23.60
C GLU A 51 -0.77 4.94 -22.21
N SER A 52 0.01 4.19 -21.42
CA SER A 52 -0.34 3.87 -20.01
C SER A 52 -0.33 5.17 -19.19
N ALA A 53 0.61 6.07 -19.49
CA ALA A 53 0.76 7.40 -18.86
C ALA A 53 -0.57 8.17 -18.95
N THR A 54 -1.24 8.12 -20.10
CA THR A 54 -2.57 8.76 -20.37
C THR A 54 -3.62 8.23 -19.40
N ALA A 55 -3.69 6.90 -19.24
CA ALA A 55 -4.64 6.26 -18.31
C ALA A 55 -4.40 6.81 -16.90
N TRP A 56 -3.18 6.70 -16.38
CA TRP A 56 -2.84 7.10 -14.99
C TRP A 56 -3.03 8.62 -14.82
N ARG A 57 -2.75 9.39 -15.86
CA ARG A 57 -2.83 10.88 -15.81
C ARG A 57 -4.26 11.34 -15.47
N THR A 58 -5.30 10.56 -15.81
CA THR A 58 -6.72 10.89 -15.49
C THR A 58 -6.90 11.01 -13.97
N LEU A 59 -6.01 10.41 -13.15
CA LEU A 59 -6.12 10.44 -11.66
C LEU A 59 -5.36 11.64 -11.09
N VAL A 60 -4.63 12.38 -11.92
CA VAL A 60 -3.87 13.58 -11.46
C VAL A 60 -4.82 14.78 -11.53
N PRO A 61 -5.10 15.46 -10.41
CA PRO A 61 -5.94 16.66 -10.43
C PRO A 61 -5.23 17.83 -11.12
N THR A 62 -6.04 18.80 -11.57
CA THR A 62 -5.63 20.02 -12.31
C THR A 62 -4.30 20.60 -11.83
N ASP A 63 -4.12 20.78 -10.52
CA ASP A 63 -2.88 21.43 -10.00
C ASP A 63 -2.05 20.39 -9.23
N GLY A 64 -2.08 19.13 -9.68
CA GLY A 64 -1.46 18.00 -8.97
C GLY A 64 0.00 17.76 -9.33
N ALA A 65 0.56 18.53 -10.28
CA ALA A 65 1.91 18.30 -10.83
C ALA A 65 2.77 19.55 -10.68
N VAL A 66 4.06 19.35 -10.40
CA VAL A 66 5.09 20.43 -10.45
C VAL A 66 6.23 19.95 -11.37
N VAL A 67 6.87 20.89 -12.06
CA VAL A 67 8.11 20.66 -12.87
C VAL A 67 9.12 21.72 -12.50
N VAL A 68 10.40 21.34 -12.57
CA VAL A 68 11.55 22.28 -12.50
C VAL A 68 12.14 22.38 -13.90
N ARG A 69 12.29 23.60 -14.43
CA ARG A 69 12.93 23.88 -15.74
C ARG A 69 14.29 24.51 -15.48
N ASP A 70 15.31 24.13 -16.26
CA ASP A 70 16.66 24.76 -16.21
C ASP A 70 16.59 26.02 -17.08
N GLY A 71 16.69 27.19 -16.46
CA GLY A 71 16.55 28.50 -17.14
C GLY A 71 15.10 28.80 -17.46
N SER A 76 15.40 25.88 -22.45
CA SER A 76 15.10 25.35 -21.08
C SER A 76 14.41 23.99 -21.19
N GLU A 77 14.88 23.00 -20.42
CA GLU A 77 14.32 21.62 -20.39
C GLU A 77 13.84 21.27 -18.98
N VAL A 78 13.07 20.19 -18.89
CA VAL A 78 12.54 19.62 -17.61
C VAL A 78 13.68 18.83 -16.94
N VAL A 79 14.09 19.26 -15.74
CA VAL A 79 15.19 18.63 -14.94
C VAL A 79 14.64 18.06 -13.62
N GLY A 80 13.35 18.30 -13.33
CA GLY A 80 12.70 17.77 -12.11
C GLY A 80 11.20 17.73 -12.28
N MET A 81 10.55 16.73 -11.69
CA MET A 81 9.07 16.65 -11.70
C MET A 81 8.59 15.83 -10.50
N ALA A 82 7.34 16.06 -10.12
CA ALA A 82 6.64 15.34 -9.05
C ALA A 82 5.16 15.63 -9.18
N LEU A 83 4.31 14.67 -8.83
CA LEU A 83 2.86 14.90 -8.84
C LEU A 83 2.21 14.02 -7.78
N TYR A 84 0.90 14.21 -7.60
CA TYR A 84 0.07 13.34 -6.75
C TYR A 84 -1.19 13.00 -7.52
N MET A 85 -1.75 11.85 -7.20
CA MET A 85 -3.02 11.36 -7.76
C MET A 85 -4.05 11.36 -6.63
N ASP A 86 -5.32 11.54 -7.01
CA ASP A 86 -6.46 11.48 -6.08
C ASP A 86 -6.78 10.00 -5.81
N LEU A 87 -6.54 9.52 -4.59
CA LEU A 87 -6.80 8.11 -4.17
C LEU A 87 -7.81 8.08 -3.02
N ARG A 88 -8.34 6.90 -2.75
CA ARG A 88 -9.20 6.61 -1.58
C ARG A 88 -8.59 5.43 -0.83
N LEU A 89 -8.12 5.67 0.38
CA LEU A 89 -7.37 4.68 1.20
C LEU A 89 -8.25 4.25 2.37
N THR A 90 -8.38 2.93 2.58
CA THR A 90 -9.14 2.37 3.72
C THR A 90 -8.19 2.31 4.92
N VAL A 91 -8.67 2.76 6.08
CA VAL A 91 -7.88 2.76 7.34
C VAL A 91 -8.68 1.97 8.37
N PRO A 92 -8.10 1.59 9.54
CA PRO A 92 -8.82 0.76 10.51
C PRO A 92 -10.19 1.37 10.88
N GLY A 93 -11.20 0.50 11.03
CA GLY A 93 -12.60 0.86 11.24
C GLY A 93 -13.36 0.99 9.93
N GLU A 94 -12.80 0.50 8.82
CA GLU A 94 -13.41 0.57 7.46
C GLU A 94 -13.69 2.03 7.05
N VAL A 95 -12.87 2.96 7.49
CA VAL A 95 -13.01 4.40 7.15
C VAL A 95 -12.19 4.64 5.88
N VAL A 96 -12.76 5.33 4.91
CA VAL A 96 -12.11 5.65 3.59
C VAL A 96 -11.69 7.13 3.61
N LEU A 97 -10.40 7.39 3.48
CA LEU A 97 -9.81 8.76 3.47
C LEU A 97 -9.43 9.18 2.06
N PRO A 98 -9.76 10.43 1.66
CA PRO A 98 -9.14 11.03 0.49
C PRO A 98 -7.63 11.06 0.76
N THR A 99 -6.83 10.58 -0.19
CA THR A 99 -5.36 10.38 -0.05
C THR A 99 -4.67 10.94 -1.30
N ALA A 100 -3.66 11.78 -1.11
CA ALA A 100 -2.76 12.27 -2.18
C ALA A 100 -1.66 11.22 -2.39
N GLY A 101 -1.72 10.52 -3.51
CA GLY A 101 -0.73 9.49 -3.89
C GLY A 101 0.42 10.10 -4.66
N LEU A 102 1.54 10.38 -3.99
CA LEU A 102 2.74 10.96 -4.65
C LEU A 102 3.32 9.92 -5.62
N SER A 103 3.79 10.37 -6.78
CA SER A 103 4.27 9.48 -7.86
C SER A 103 5.04 10.29 -8.89
N PHE A 104 5.71 9.59 -9.82
CA PHE A 104 6.38 10.21 -10.99
C PHE A 104 7.38 11.26 -10.50
N VAL A 105 8.06 10.98 -9.40
CA VAL A 105 9.06 11.89 -8.77
C VAL A 105 10.42 11.58 -9.39
N ALA A 106 11.06 12.55 -10.03
CA ALA A 106 12.36 12.35 -10.71
C ALA A 106 13.14 13.66 -10.73
N VAL A 107 14.45 13.56 -10.50
CA VAL A 107 15.44 14.64 -10.73
C VAL A 107 16.43 14.12 -11.78
N ALA A 108 16.70 14.93 -12.81
CA ALA A 108 17.65 14.60 -13.89
C ALA A 108 19.01 14.27 -13.27
N PRO A 109 19.76 13.28 -13.82
CA PRO A 109 21.05 12.91 -13.27
C PRO A 109 22.06 14.06 -13.35
N THR A 110 21.75 15.05 -14.20
CA THR A 110 22.53 16.29 -14.42
C THR A 110 22.32 17.30 -13.29
N HIS A 111 21.30 17.13 -12.45
CA HIS A 111 20.85 18.18 -11.49
C HIS A 111 20.71 17.62 -10.07
N ARG A 112 21.51 16.62 -9.71
CA ARG A 112 21.53 16.04 -8.34
C ARG A 112 22.09 17.07 -7.35
N ARG A 113 21.77 16.89 -6.05
CA ARG A 113 22.36 17.62 -4.89
C ARG A 113 22.14 19.13 -5.06
N ARG A 114 21.01 19.52 -5.64
CA ARG A 114 20.66 20.93 -5.96
C ARG A 114 19.38 21.35 -5.22
N GLY A 115 18.88 20.49 -4.31
CA GLY A 115 17.68 20.77 -3.49
C GLY A 115 16.38 20.74 -4.28
N LEU A 116 16.36 20.07 -5.44
CA LEU A 116 15.16 20.02 -6.33
C LEU A 116 14.08 19.15 -5.70
N LEU A 117 14.43 17.99 -5.14
CA LEU A 117 13.45 17.09 -4.48
C LEU A 117 12.80 17.83 -3.31
N ARG A 118 13.59 18.47 -2.45
CA ARG A 118 13.10 19.19 -1.25
C ARG A 118 12.11 20.27 -1.68
N ALA A 119 12.46 21.05 -2.71
CA ALA A 119 11.64 22.17 -3.25
C ALA A 119 10.33 21.63 -3.83
N MET A 120 10.37 20.55 -4.61
CA MET A 120 9.17 19.97 -5.23
C MET A 120 8.25 19.36 -4.16
N CYS A 121 8.80 18.67 -3.16
CA CYS A 121 8.03 18.02 -2.07
C CYS A 121 7.38 19.10 -1.18
N ALA A 122 8.09 20.18 -0.87
CA ALA A 122 7.57 21.33 -0.09
C ALA A 122 6.36 21.94 -0.81
N GLU A 123 6.45 22.17 -2.12
CA GLU A 123 5.35 22.77 -2.91
C GLU A 123 4.16 21.81 -2.99
N LEU A 124 4.39 20.53 -3.30
CA LEU A 124 3.26 19.57 -3.40
C LEU A 124 2.56 19.42 -2.05
N HIS A 125 3.32 19.36 -0.95
CA HIS A 125 2.75 19.20 0.42
C HIS A 125 1.89 20.41 0.78
N ARG A 126 2.32 21.61 0.35
CA ARG A 126 1.57 22.89 0.50
C ARG A 126 0.22 22.73 -0.21
N ARG A 127 0.25 22.31 -1.48
CA ARG A 127 -0.96 22.15 -2.32
C ARG A 127 -1.85 21.05 -1.73
N ILE A 128 -1.25 19.94 -1.29
CA ILE A 128 -2.02 18.78 -0.73
C ILE A 128 -2.73 19.22 0.56
N ALA A 129 -2.01 19.85 1.48
CA ALA A 129 -2.55 20.35 2.78
C ALA A 129 -3.67 21.37 2.51
N ASP A 130 -3.42 22.38 1.66
CA ASP A 130 -4.40 23.44 1.31
C ASP A 130 -5.64 22.84 0.65
N SER A 131 -5.49 21.76 -0.12
CA SER A 131 -6.62 21.11 -0.85
C SER A 131 -7.50 20.32 0.13
N GLY A 132 -7.02 20.04 1.34
CA GLY A 132 -7.82 19.38 2.40
C GLY A 132 -7.62 17.88 2.50
N TYR A 133 -6.53 17.33 1.97
CA TYR A 133 -6.19 15.89 2.14
C TYR A 133 -5.67 15.69 3.56
N PRO A 134 -6.20 14.72 4.34
CA PRO A 134 -5.64 14.46 5.67
C PRO A 134 -4.35 13.63 5.64
N VAL A 135 -4.13 12.89 4.55
CA VAL A 135 -2.94 12.00 4.42
C VAL A 135 -2.41 12.03 2.98
N ALA A 136 -1.09 11.85 2.85
CA ALA A 136 -0.38 11.59 1.59
C ALA A 136 0.25 10.20 1.69
N ALA A 137 0.48 9.56 0.56
CA ALA A 137 1.01 8.18 0.51
C ALA A 137 1.93 8.03 -0.71
N LEU A 138 2.91 7.13 -0.59
CA LEU A 138 3.78 6.77 -1.73
C LEU A 138 4.33 5.35 -1.54
N HIS A 139 4.86 4.80 -2.64
CA HIS A 139 5.77 3.63 -2.69
C HIS A 139 7.18 4.16 -2.94
N ALA A 140 8.14 3.79 -2.09
CA ALA A 140 9.50 4.37 -2.07
C ALA A 140 10.41 3.56 -2.99
N SER A 141 11.13 4.24 -3.89
CA SER A 141 12.18 3.63 -4.75
C SER A 141 13.35 3.19 -3.86
N GLU A 142 13.67 3.97 -2.83
CA GLU A 142 14.69 3.64 -1.80
C GLU A 142 14.11 3.89 -0.41
N GLY A 143 14.64 3.20 0.62
CA GLY A 143 14.15 3.29 2.00
C GLY A 143 14.66 4.52 2.76
N GLY A 144 15.70 5.21 2.27
CA GLY A 144 16.41 6.27 3.02
C GLY A 144 16.01 7.70 2.63
N ILE A 145 15.05 7.85 1.74
CA ILE A 145 14.72 9.18 1.13
C ILE A 145 13.62 9.88 1.94
N TYR A 146 12.48 9.22 2.17
CA TYR A 146 11.18 9.89 2.39
C TYR A 146 10.92 10.15 3.87
N GLY A 147 11.62 9.47 4.78
CA GLY A 147 11.55 9.71 6.23
C GLY A 147 11.68 11.18 6.59
N ARG A 148 12.64 11.87 5.97
CA ARG A 148 12.98 13.27 6.29
C ARG A 148 11.86 14.22 5.81
N PHE A 149 10.98 13.79 4.92
CA PHE A 149 9.82 14.57 4.42
C PHE A 149 8.53 14.13 5.14
N GLY A 150 8.64 13.30 6.18
CA GLY A 150 7.55 12.95 7.11
C GLY A 150 6.77 11.70 6.72
N TYR A 151 7.27 10.91 5.76
CA TYR A 151 6.67 9.61 5.36
C TYR A 151 7.25 8.49 6.23
N GLY A 152 6.36 7.68 6.79
CA GLY A 152 6.73 6.46 7.54
C GLY A 152 6.22 5.23 6.80
N PRO A 153 7.01 4.13 6.74
CA PRO A 153 6.52 2.88 6.15
C PRO A 153 5.33 2.35 6.99
N ALA A 154 4.20 2.07 6.35
CA ALA A 154 2.89 1.85 7.01
C ALA A 154 2.34 0.45 6.71
N THR A 155 2.77 -0.20 5.63
CA THR A 155 2.44 -1.61 5.31
C THR A 155 3.73 -2.39 5.04
N THR A 156 3.68 -3.71 5.21
CA THR A 156 4.82 -4.63 5.00
C THR A 156 4.47 -5.65 3.91
N LEU A 157 5.28 -5.67 2.84
CA LEU A 157 5.24 -6.70 1.78
C LEU A 157 6.01 -7.92 2.29
N HIS A 158 5.38 -9.08 2.17
CA HIS A 158 5.89 -10.37 2.68
C HIS A 158 5.76 -11.37 1.52
N GLU A 159 6.85 -11.74 0.85
CA GLU A 159 6.80 -12.77 -0.22
C GLU A 159 6.85 -14.17 0.40
N LEU A 160 5.83 -14.98 0.12
CA LEU A 160 5.79 -16.42 0.47
C LEU A 160 6.03 -17.21 -0.82
N THR A 161 6.95 -18.19 -0.76
CA THR A 161 7.21 -19.17 -1.83
C THR A 161 6.85 -20.55 -1.27
N VAL A 162 5.86 -21.21 -1.88
CA VAL A 162 5.40 -22.57 -1.48
C VAL A 162 6.02 -23.60 -2.42
N ASP A 163 6.73 -24.60 -1.88
CA ASP A 163 7.11 -25.81 -2.67
C ASP A 163 5.89 -26.71 -2.71
N ARG A 164 5.08 -26.56 -3.76
CA ARG A 164 3.74 -27.16 -3.84
C ARG A 164 3.84 -28.68 -4.00
N ARG A 165 5.00 -29.23 -4.36
CA ARG A 165 5.19 -30.70 -4.50
C ARG A 165 5.01 -31.38 -3.14
N PHE A 166 5.31 -30.70 -2.03
CA PHE A 166 5.22 -31.27 -0.66
C PHE A 166 3.95 -30.80 0.06
N ALA A 167 3.26 -29.79 -0.46
CA ALA A 167 2.16 -29.09 0.25
C ALA A 167 0.97 -30.03 0.41
N ARG A 168 0.56 -30.29 1.66
CA ARG A 168 -0.66 -31.06 2.01
C ARG A 168 -1.52 -30.18 2.91
N PHE A 169 -2.83 -30.10 2.64
CA PHE A 169 -3.75 -29.28 3.44
C PHE A 169 -4.03 -29.97 4.78
N HIS A 170 -4.05 -29.18 5.85
CA HIS A 170 -4.40 -29.63 7.23
C HIS A 170 -5.83 -30.19 7.22
N ALA A 171 -6.10 -31.20 8.04
CA ALA A 171 -7.44 -31.77 8.26
C ALA A 171 -8.45 -30.66 8.60
N ASP A 172 -8.03 -29.60 9.30
CA ASP A 172 -8.91 -28.47 9.70
C ASP A 172 -9.20 -27.52 8.53
N ALA A 173 -8.38 -27.50 7.48
CA ALA A 173 -8.48 -26.46 6.42
C ALA A 173 -9.86 -26.56 5.77
N PRO A 174 -10.59 -25.44 5.54
CA PRO A 174 -11.88 -25.50 4.84
C PRO A 174 -11.81 -26.05 3.40
N GLY A 175 -12.96 -26.48 2.88
CA GLY A 175 -13.17 -26.85 1.46
C GLY A 175 -12.42 -28.12 1.05
N GLY A 176 -12.34 -29.10 1.96
CA GLY A 176 -11.66 -30.38 1.74
C GLY A 176 -12.62 -31.49 1.31
N GLY A 177 -13.91 -31.34 1.64
CA GLY A 177 -14.95 -32.38 1.46
C GLY A 177 -15.20 -32.72 0.00
N LEU A 178 -15.94 -33.80 -0.25
CA LEU A 178 -16.24 -34.34 -1.61
C LEU A 178 -17.16 -33.39 -2.36
N GLY A 179 -17.43 -33.68 -3.64
CA GLY A 179 -18.30 -32.87 -4.52
C GLY A 179 -17.51 -31.85 -5.32
N GLY A 180 -18.23 -30.97 -6.03
CA GLY A 180 -17.67 -30.02 -7.02
C GLY A 180 -16.75 -28.99 -6.38
N SER A 181 -15.93 -28.33 -7.21
CA SER A 181 -15.09 -27.16 -6.82
C SER A 181 -15.90 -25.87 -7.00
N SER A 182 -15.73 -24.94 -6.07
CA SER A 182 -16.29 -23.56 -6.08
C SER A 182 -15.45 -22.64 -6.97
N VAL A 183 -14.26 -23.10 -7.40
CA VAL A 183 -13.25 -22.27 -8.12
C VAL A 183 -13.22 -22.67 -9.59
N ARG A 184 -13.17 -21.67 -10.47
CA ARG A 184 -13.08 -21.84 -11.94
C ARG A 184 -11.77 -21.23 -12.43
N LEU A 185 -11.07 -21.96 -13.30
CA LEU A 185 -9.95 -21.44 -14.12
C LEU A 185 -10.56 -20.64 -15.28
N VAL A 186 -10.25 -19.35 -15.41
CA VAL A 186 -10.86 -18.47 -16.44
C VAL A 186 -9.80 -17.55 -17.05
N ARG A 187 -10.15 -16.96 -18.19
CA ARG A 187 -9.41 -15.83 -18.80
C ARG A 187 -9.83 -14.55 -18.11
N PRO A 188 -8.88 -13.75 -17.57
CA PRO A 188 -9.21 -12.52 -16.86
C PRO A 188 -10.15 -11.57 -17.62
N THR A 189 -9.89 -11.32 -18.89
CA THR A 189 -10.62 -10.31 -19.72
C THR A 189 -12.12 -10.67 -19.83
N GLU A 190 -12.48 -11.95 -19.70
CA GLU A 190 -13.87 -12.45 -19.91
C GLU A 190 -14.69 -12.32 -18.62
N HIS A 191 -14.10 -11.93 -17.50
CA HIS A 191 -14.78 -11.88 -16.17
C HIS A 191 -14.44 -10.58 -15.44
N ARG A 192 -14.29 -9.48 -16.18
CA ARG A 192 -13.89 -8.16 -15.63
C ARG A 192 -14.88 -7.72 -14.54
N GLY A 193 -16.18 -7.76 -14.83
CA GLY A 193 -17.26 -7.37 -13.91
C GLY A 193 -17.14 -8.07 -12.56
N GLU A 194 -16.82 -9.37 -12.57
CA GLU A 194 -16.74 -10.19 -11.34
C GLU A 194 -15.50 -9.80 -10.53
N PHE A 195 -14.34 -9.59 -11.18
CA PHE A 195 -13.09 -9.17 -10.48
C PHE A 195 -13.31 -7.81 -9.83
N GLU A 196 -13.92 -6.88 -10.56
CA GLU A 196 -14.22 -5.49 -10.11
C GLU A 196 -15.03 -5.54 -8.82
N ALA A 197 -16.12 -6.31 -8.82
CA ALA A 197 -17.06 -6.42 -7.68
C ALA A 197 -16.35 -7.06 -6.47
N ILE A 198 -15.55 -8.11 -6.69
CA ILE A 198 -14.82 -8.80 -5.57
C ILE A 198 -13.81 -7.81 -4.98
N TYR A 199 -13.04 -7.13 -5.84
CA TYR A 199 -11.99 -6.16 -5.41
C TYR A 199 -12.65 -5.04 -4.60
N GLU A 200 -13.78 -4.52 -5.09
CA GLU A 200 -14.52 -3.40 -4.46
C GLU A 200 -14.94 -3.80 -3.03
N ARG A 201 -15.36 -5.05 -2.82
CA ARG A 201 -15.73 -5.55 -1.48
C ARG A 201 -14.47 -5.63 -0.60
N TRP A 202 -13.40 -6.20 -1.16
CA TRP A 202 -12.09 -6.38 -0.46
C TRP A 202 -11.55 -5.02 0.03
N ARG A 203 -11.50 -4.01 -0.86
CA ARG A 203 -10.76 -2.74 -0.60
C ARG A 203 -11.51 -1.95 0.48
N GLN A 204 -12.83 -2.09 0.58
CA GLN A 204 -13.65 -1.40 1.61
C GLN A 204 -13.48 -2.06 2.99
N GLN A 205 -13.06 -3.33 3.04
CA GLN A 205 -12.99 -4.13 4.30
C GLN A 205 -11.59 -4.09 4.92
N VAL A 206 -10.54 -3.86 4.12
CA VAL A 206 -9.14 -4.12 4.55
C VAL A 206 -8.39 -2.79 4.65
N PRO A 207 -7.79 -2.45 5.80
CA PRO A 207 -6.88 -1.31 5.88
C PRO A 207 -5.73 -1.48 4.88
N GLY A 208 -5.38 -0.42 4.15
CA GLY A 208 -4.43 -0.45 3.03
C GLY A 208 -5.16 -0.54 1.71
N GLY A 209 -6.44 -0.92 1.73
CA GLY A 209 -7.25 -1.03 0.51
C GLY A 209 -7.31 0.28 -0.24
N LEU A 210 -7.23 0.25 -1.57
CA LEU A 210 -7.39 1.46 -2.40
C LEU A 210 -8.52 1.23 -3.40
N LEU A 211 -9.29 2.27 -3.67
CA LEU A 211 -10.27 2.25 -4.79
C LEU A 211 -9.48 2.05 -6.08
N ARG A 212 -9.93 1.13 -6.94
CA ARG A 212 -9.28 0.91 -8.25
C ARG A 212 -10.22 1.41 -9.34
N PRO A 213 -9.98 2.62 -9.90
CA PRO A 213 -10.86 3.18 -10.94
C PRO A 213 -10.82 2.42 -12.27
N GLN A 214 -11.80 2.69 -13.13
CA GLN A 214 -11.97 1.97 -14.43
C GLN A 214 -10.66 1.99 -15.23
N VAL A 215 -9.96 3.12 -15.31
CA VAL A 215 -8.70 3.24 -16.12
C VAL A 215 -7.65 2.24 -15.61
N LEU A 216 -7.62 1.94 -14.31
CA LEU A 216 -6.59 1.02 -13.75
C LEU A 216 -7.02 -0.44 -14.00
N TRP A 217 -8.32 -0.73 -14.08
CA TRP A 217 -8.81 -2.05 -14.56
C TRP A 217 -8.47 -2.25 -16.04
N ASP A 218 -8.62 -1.20 -16.87
CA ASP A 218 -8.18 -1.21 -18.29
C ASP A 218 -6.71 -1.62 -18.35
N GLU A 219 -5.86 -0.97 -17.56
CA GLU A 219 -4.39 -1.20 -17.56
C GLU A 219 -4.09 -2.63 -17.07
N LEU A 220 -4.74 -3.07 -15.99
CA LEU A 220 -4.47 -4.41 -15.39
C LEU A 220 -4.78 -5.51 -16.42
N LEU A 221 -5.92 -5.41 -17.10
CA LEU A 221 -6.39 -6.50 -18.01
C LEU A 221 -5.59 -6.47 -19.32
N ALA A 222 -4.97 -5.34 -19.66
CA ALA A 222 -4.05 -5.22 -20.82
C ALA A 222 -2.71 -5.90 -20.51
N GLU A 223 -2.25 -5.84 -19.25
CA GLU A 223 -1.01 -6.51 -18.77
C GLU A 223 -1.22 -8.03 -18.64
N ALA A 224 -2.47 -8.51 -18.71
CA ALA A 224 -2.84 -9.94 -18.50
C ALA A 224 -2.43 -10.79 -19.71
N LYS A 225 -2.30 -10.18 -20.89
CA LYS A 225 -1.95 -10.89 -22.15
C LYS A 225 -0.42 -11.05 -22.24
N ALA A 226 0.02 -12.10 -22.94
CA ALA A 226 1.45 -12.39 -23.21
C ALA A 226 2.03 -11.30 -24.12
N ALA A 227 3.31 -11.00 -23.97
CA ALA A 227 4.07 -10.04 -24.81
C ALA A 227 5.25 -10.77 -25.46
N PRO A 228 5.52 -10.55 -26.77
CA PRO A 228 6.61 -11.26 -27.45
C PRO A 228 7.97 -10.92 -26.81
N GLY A 229 8.66 -11.94 -26.30
CA GLY A 229 9.90 -11.78 -25.52
C GLY A 229 9.66 -11.10 -24.19
N GLY A 230 8.41 -11.11 -23.70
CA GLY A 230 7.98 -10.46 -22.45
C GLY A 230 7.32 -11.45 -21.50
N ASP A 231 6.36 -10.98 -20.71
CA ASP A 231 5.61 -11.80 -19.73
C ASP A 231 4.78 -12.86 -20.47
N ARG A 232 4.51 -13.98 -19.80
CA ARG A 232 3.62 -15.05 -20.32
C ARG A 232 2.16 -14.65 -20.04
N GLU A 233 1.22 -15.36 -20.64
CA GLU A 233 -0.24 -15.11 -20.46
C GLU A 233 -0.62 -15.26 -18.98
N SER A 234 -1.47 -14.38 -18.48
CA SER A 234 -2.05 -14.46 -17.11
C SER A 234 -3.32 -15.30 -17.16
N PHE A 235 -3.53 -16.12 -16.14
CA PHE A 235 -4.80 -16.86 -15.93
C PHE A 235 -5.39 -16.38 -14.61
N ALA A 236 -6.67 -16.68 -14.40
CA ALA A 236 -7.39 -16.33 -13.17
C ALA A 236 -8.03 -17.59 -12.59
N LEU A 237 -8.01 -17.68 -11.27
CA LEU A 237 -8.87 -18.60 -10.49
C LEU A 237 -9.96 -17.76 -9.82
N LEU A 238 -11.22 -18.07 -10.14
CA LEU A 238 -12.40 -17.25 -9.75
C LEU A 238 -13.30 -18.06 -8.84
N HIS A 239 -13.57 -17.49 -7.66
CA HIS A 239 -14.52 -17.97 -6.64
C HIS A 239 -15.58 -16.88 -6.48
N PRO A 240 -16.84 -17.18 -6.07
CA PRO A 240 -17.81 -16.12 -5.79
C PRO A 240 -17.29 -15.00 -4.86
N ASP A 241 -16.38 -15.32 -3.92
CA ASP A 241 -15.89 -14.38 -2.88
C ASP A 241 -14.36 -14.18 -2.95
N GLY A 242 -13.74 -14.42 -4.10
CA GLY A 242 -12.30 -14.16 -4.25
C GLY A 242 -11.79 -14.51 -5.62
N TYR A 243 -10.63 -13.97 -6.00
CA TYR A 243 -9.93 -14.37 -7.24
C TYR A 243 -8.42 -14.32 -6.99
N ALA A 244 -7.69 -15.08 -7.79
CA ALA A 244 -6.22 -15.03 -7.90
C ALA A 244 -5.86 -14.82 -9.38
N LEU A 245 -4.98 -13.86 -9.64
CA LEU A 245 -4.34 -13.62 -10.96
C LEU A 245 -2.93 -14.16 -10.86
N TYR A 246 -2.53 -15.03 -11.79
CA TYR A 246 -1.17 -15.63 -11.77
C TYR A 246 -0.67 -15.80 -13.21
N ARG A 247 0.65 -15.96 -13.33
CA ARG A 247 1.32 -16.26 -14.61
C ARG A 247 2.59 -17.05 -14.29
N VAL A 248 2.98 -17.93 -15.20
CA VAL A 248 4.29 -18.64 -15.11
C VAL A 248 5.37 -17.58 -15.30
N ASP A 249 6.45 -17.68 -14.51
CA ASP A 249 7.61 -16.77 -14.60
C ASP A 249 8.20 -16.83 -16.02
N ARG A 250 8.76 -15.71 -16.49
CA ARG A 250 9.40 -15.55 -17.82
C ARG A 250 10.45 -16.63 -18.07
N THR A 251 11.35 -16.85 -17.09
CA THR A 251 12.59 -17.65 -17.27
C THR A 251 12.52 -18.92 -16.42
N ASP A 252 12.01 -18.86 -15.18
CA ASP A 252 11.81 -20.05 -14.32
C ASP A 252 10.44 -20.67 -14.64
N LEU A 253 10.41 -21.70 -15.49
CA LEU A 253 9.15 -22.29 -16.01
C LEU A 253 8.52 -23.23 -14.99
N LYS A 254 9.12 -23.42 -13.81
CA LYS A 254 8.56 -24.24 -12.70
C LYS A 254 8.07 -23.32 -11.57
N LEU A 255 8.03 -22.00 -11.79
CA LEU A 255 7.54 -20.99 -10.81
C LEU A 255 6.30 -20.29 -11.37
N ALA A 256 5.17 -20.36 -10.65
CA ALA A 256 3.97 -19.52 -10.91
C ALA A 256 3.99 -18.34 -9.94
N ARG A 257 3.88 -17.12 -10.47
CA ARG A 257 3.81 -15.88 -9.67
C ARG A 257 2.36 -15.41 -9.59
N VAL A 258 1.81 -15.38 -8.38
CA VAL A 258 0.46 -14.80 -8.11
C VAL A 258 0.64 -13.29 -8.04
N SER A 259 0.12 -12.52 -9.00
CA SER A 259 0.28 -11.05 -9.02
C SER A 259 -0.65 -10.43 -7.98
N GLU A 260 -1.76 -11.11 -7.69
CA GLU A 260 -2.89 -10.54 -6.93
C GLU A 260 -3.80 -11.66 -6.47
N LEU A 261 -4.07 -11.74 -5.17
CA LEU A 261 -5.11 -12.61 -4.60
C LEU A 261 -5.97 -11.75 -3.66
N ARG A 262 -7.23 -11.57 -4.01
CA ARG A 262 -8.23 -10.81 -3.20
C ARG A 262 -9.31 -11.79 -2.76
N ALA A 263 -9.36 -12.09 -1.46
CA ALA A 263 -10.34 -13.01 -0.86
C ALA A 263 -11.11 -12.24 0.23
N VAL A 264 -12.43 -12.26 0.14
CA VAL A 264 -13.35 -11.53 1.06
C VAL A 264 -13.71 -12.46 2.22
N THR A 265 -13.59 -13.78 2.04
CA THR A 265 -13.89 -14.79 3.08
C THR A 265 -12.70 -15.75 3.24
N ALA A 266 -12.58 -16.38 4.41
CA ALA A 266 -11.58 -17.43 4.69
C ALA A 266 -11.80 -18.61 3.74
N ASP A 267 -13.06 -18.98 3.48
CA ASP A 267 -13.41 -20.09 2.57
C ASP A 267 -12.83 -19.81 1.18
N ALA A 268 -12.98 -18.59 0.68
CA ALA A 268 -12.47 -18.17 -0.64
C ALA A 268 -10.94 -18.30 -0.68
N HIS A 269 -10.26 -17.75 0.33
CA HIS A 269 -8.78 -17.79 0.47
C HIS A 269 -8.31 -19.25 0.39
N CYS A 270 -8.90 -20.15 1.19
CA CYS A 270 -8.48 -21.57 1.23
C CYS A 270 -8.75 -22.23 -0.12
N ALA A 271 -9.94 -22.04 -0.70
CA ALA A 271 -10.34 -22.66 -1.98
C ALA A 271 -9.37 -22.24 -3.08
N LEU A 272 -8.98 -20.97 -3.11
CA LEU A 272 -8.06 -20.44 -4.15
C LEU A 272 -6.68 -21.08 -3.98
N TRP A 273 -6.23 -21.31 -2.74
CA TRP A 273 -4.89 -21.91 -2.47
C TRP A 273 -4.91 -23.41 -2.79
N ARG A 274 -6.02 -24.11 -2.53
CA ARG A 274 -6.19 -25.52 -2.98
C ARG A 274 -5.99 -25.58 -4.51
N ALA A 275 -6.61 -24.66 -5.26
CA ALA A 275 -6.50 -24.61 -6.74
C ALA A 275 -5.06 -24.29 -7.14
N LEU A 276 -4.40 -23.32 -6.49
CA LEU A 276 -3.01 -22.94 -6.84
C LEU A 276 -2.06 -24.11 -6.58
N ILE A 277 -2.24 -24.81 -5.45
CA ILE A 277 -1.42 -26.01 -5.11
C ILE A 277 -1.71 -27.14 -6.11
N GLY A 278 -2.85 -27.08 -6.80
CA GLY A 278 -3.21 -28.00 -7.91
C GLY A 278 -2.52 -27.69 -9.23
N LEU A 279 -1.67 -26.67 -9.32
CA LEU A 279 -0.88 -26.39 -10.57
C LEU A 279 0.28 -27.40 -10.64
N ASP A 280 -0.04 -28.63 -11.06
CA ASP A 280 0.84 -29.82 -10.90
C ASP A 280 2.11 -29.67 -11.75
N SER A 281 2.11 -28.85 -12.80
CA SER A 281 3.31 -28.64 -13.65
C SER A 281 4.30 -27.66 -12.99
N MET A 282 3.94 -27.02 -11.85
CA MET A 282 4.83 -26.06 -11.15
C MET A 282 5.52 -26.77 -9.98
N GLU A 283 6.74 -26.37 -9.66
CA GLU A 283 7.46 -26.73 -8.41
C GLU A 283 7.09 -25.76 -7.29
N ARG A 284 6.98 -24.47 -7.62
CA ARG A 284 6.86 -23.36 -6.64
C ARG A 284 5.74 -22.40 -7.05
N ILE A 285 4.99 -21.93 -6.07
CA ILE A 285 4.02 -20.80 -6.17
C ILE A 285 4.55 -19.69 -5.26
N SER A 286 4.71 -18.47 -5.78
CA SER A 286 5.12 -17.29 -4.98
C SER A 286 4.01 -16.24 -5.03
N ILE A 287 3.90 -15.47 -3.94
CA ILE A 287 2.93 -14.35 -3.81
C ILE A 287 3.57 -13.29 -2.93
N ILE A 288 3.34 -12.01 -3.27
CA ILE A 288 3.67 -10.87 -2.37
C ILE A 288 2.41 -10.60 -1.57
N THR A 289 2.46 -10.92 -0.28
CA THR A 289 1.28 -10.88 0.62
C THR A 289 1.66 -10.05 1.85
N HIS A 290 0.94 -10.24 2.95
CA HIS A 290 1.13 -9.50 4.22
C HIS A 290 1.59 -10.46 5.30
N PRO A 291 2.20 -9.97 6.41
CA PRO A 291 2.76 -10.85 7.44
C PRO A 291 1.72 -11.77 8.11
N GLN A 292 0.44 -11.45 8.08
CA GLN A 292 -0.60 -12.23 8.79
C GLN A 292 -1.35 -13.14 7.82
N ASP A 293 -0.84 -13.36 6.60
CA ASP A 293 -1.46 -14.28 5.62
C ASP A 293 -1.61 -15.64 6.29
N PRO A 294 -2.85 -16.18 6.42
CA PRO A 294 -3.04 -17.46 7.10
C PRO A 294 -2.56 -18.71 6.34
N LEU A 295 -2.08 -18.54 5.10
CA LEU A 295 -1.65 -19.66 4.21
C LEU A 295 -0.83 -20.70 4.97
N PRO A 296 0.24 -20.35 5.71
CA PRO A 296 1.09 -21.37 6.32
C PRO A 296 0.31 -22.34 7.21
N HIS A 297 -0.73 -21.83 7.88
CA HIS A 297 -1.56 -22.56 8.89
C HIS A 297 -2.54 -23.49 8.19
N LEU A 298 -2.77 -23.31 6.89
CA LEU A 298 -3.62 -24.21 6.05
C LEU A 298 -2.88 -25.52 5.75
N LEU A 299 -1.56 -25.59 5.95
CA LEU A 299 -0.72 -26.75 5.55
C LEU A 299 -0.33 -27.59 6.77
N THR A 300 -0.10 -28.89 6.58
CA THR A 300 0.42 -29.81 7.64
C THR A 300 1.85 -29.40 8.03
N ASP A 301 2.59 -28.78 7.11
CA ASP A 301 3.98 -28.30 7.34
C ASP A 301 4.01 -26.78 7.09
N THR A 302 3.88 -25.98 8.15
CA THR A 302 3.84 -24.50 8.09
C THR A 302 5.13 -23.98 7.44
N ARG A 303 6.22 -24.74 7.52
CA ARG A 303 7.56 -24.31 7.05
C ARG A 303 7.59 -24.27 5.51
N LEU A 304 6.67 -24.97 4.82
CA LEU A 304 6.64 -25.02 3.33
C LEU A 304 6.32 -23.64 2.75
N ALA A 305 5.57 -22.79 3.46
CA ALA A 305 5.29 -21.41 3.03
C ALA A 305 6.44 -20.52 3.51
N ARG A 306 7.55 -20.47 2.76
CA ARG A 306 8.80 -19.82 3.20
C ARG A 306 8.73 -18.33 2.86
N THR A 307 9.14 -17.49 3.81
CA THR A 307 9.33 -16.04 3.57
C THR A 307 10.64 -15.85 2.81
N THR A 308 10.55 -15.45 1.54
CA THR A 308 11.69 -15.33 0.60
C THR A 308 12.07 -13.85 0.41
N TRP A 309 11.27 -12.92 0.92
CA TRP A 309 11.50 -11.47 0.72
C TRP A 309 10.57 -10.67 1.65
N ARG A 310 11.06 -9.53 2.15
CA ARG A 310 10.29 -8.67 3.06
C ARG A 310 10.72 -7.22 2.80
N GLN A 311 9.75 -6.31 2.63
CA GLN A 311 10.05 -4.89 2.33
C GLN A 311 8.88 -4.02 2.78
N ASP A 312 9.16 -2.75 3.09
CA ASP A 312 8.17 -1.66 3.22
C ASP A 312 7.29 -1.67 1.97
N GLY A 313 5.98 -1.53 2.15
CA GLY A 313 5.02 -1.34 1.05
C GLY A 313 4.61 0.12 0.95
N LEU A 314 3.40 0.43 1.41
CA LEU A 314 2.86 1.82 1.37
C LEU A 314 3.50 2.64 2.49
N TRP A 315 3.91 3.87 2.17
CA TRP A 315 4.40 4.89 3.12
C TRP A 315 3.30 5.95 3.29
N LEU A 316 3.13 6.46 4.52
CA LEU A 316 2.12 7.49 4.86
C LEU A 316 2.79 8.74 5.43
N ARG A 317 2.37 9.91 4.94
CA ARG A 317 2.62 11.21 5.61
C ARG A 317 1.27 11.71 6.11
N ILE A 318 1.12 11.77 7.44
CA ILE A 318 -0.06 12.41 8.08
C ILE A 318 0.05 13.91 7.81
N MET A 319 -0.89 14.47 7.04
CA MET A 319 -0.87 15.91 6.65
C MET A 319 -1.54 16.74 7.76
N ASN A 320 -2.64 16.23 8.32
CA ASN A 320 -3.43 16.89 9.39
C ASN A 320 -3.57 15.91 10.55
N VAL A 321 -2.82 16.12 11.63
CA VAL A 321 -2.72 15.16 12.75
C VAL A 321 -4.08 14.91 13.37
N PRO A 322 -4.81 15.95 13.85
CA PRO A 322 -6.11 15.74 14.48
C PRO A 322 -7.14 15.08 13.54
N ALA A 323 -7.23 15.54 12.29
CA ALA A 323 -8.17 14.98 11.28
C ALA A 323 -7.87 13.48 11.09
N ALA A 324 -6.61 13.10 10.94
CA ALA A 324 -6.20 11.69 10.73
C ALA A 324 -6.54 10.87 11.98
N LEU A 325 -6.13 11.34 13.17
CA LEU A 325 -6.29 10.55 14.41
C LEU A 325 -7.78 10.40 14.76
N GLU A 326 -8.61 11.41 14.47
CA GLU A 326 -10.07 11.34 14.78
C GLU A 326 -10.79 10.45 13.77
N ALA A 327 -10.27 10.31 12.56
CA ALA A 327 -10.96 9.61 11.43
C ALA A 327 -10.92 8.10 11.62
N ARG A 328 -9.82 7.51 12.09
CA ARG A 328 -9.70 6.03 12.13
C ARG A 328 -10.40 5.49 13.39
N GLY A 329 -10.76 4.21 13.37
CA GLY A 329 -11.26 3.46 14.53
C GLY A 329 -10.11 2.89 15.34
N TYR A 330 -10.33 2.69 16.64
CA TYR A 330 -9.32 2.16 17.59
C TYR A 330 -9.87 0.87 18.22
N ALA A 331 -9.01 0.04 18.78
CA ALA A 331 -9.38 -1.25 19.42
C ALA A 331 -10.37 -0.96 20.56
N HIS A 332 -11.50 -1.68 20.61
CA HIS A 332 -12.52 -1.55 21.67
C HIS A 332 -12.02 -2.17 22.99
N GLU A 333 -11.03 -3.07 22.93
CA GLU A 333 -10.61 -3.88 24.10
C GLU A 333 -9.97 -2.98 25.16
N VAL A 334 -9.27 -1.93 24.74
CA VAL A 334 -8.49 -1.03 25.65
C VAL A 334 -9.46 -0.03 26.29
N GLY A 335 -9.33 0.20 27.59
CA GLY A 335 -10.21 1.12 28.33
C GLY A 335 -9.92 2.56 27.95
N GLU A 336 -10.88 3.45 28.12
CA GLU A 336 -10.70 4.90 27.85
C GLU A 336 -9.42 5.38 28.53
N PHE A 337 -8.62 6.18 27.83
CA PHE A 337 -7.42 6.85 28.39
C PHE A 337 -7.20 8.17 27.66
N SER A 338 -6.50 9.09 28.34
CA SER A 338 -6.15 10.44 27.85
C SER A 338 -4.65 10.64 27.94
N THR A 339 -4.06 11.29 26.96
CA THR A 339 -2.62 11.62 26.95
C THR A 339 -2.43 12.95 26.20
N VAL A 340 -1.18 13.41 26.12
CA VAL A 340 -0.79 14.60 25.34
C VAL A 340 0.30 14.14 24.37
N LEU A 341 0.01 14.22 23.08
CA LEU A 341 0.90 13.80 21.97
C LEU A 341 1.50 15.05 21.34
N GLU A 342 2.82 15.13 21.26
CA GLU A 342 3.53 16.14 20.43
C GLU A 342 4.11 15.43 19.20
N VAL A 343 3.74 15.89 18.02
CA VAL A 343 4.43 15.58 16.74
C VAL A 343 5.45 16.68 16.49
N SER A 344 6.73 16.32 16.31
CA SER A 344 7.84 17.26 16.01
C SER A 344 7.40 18.19 14.88
N ASP A 345 7.24 19.49 15.17
CA ASP A 345 6.80 20.52 14.18
C ASP A 345 5.47 20.11 13.51
N GLY A 346 4.56 19.46 14.26
CA GLY A 346 3.25 19.02 13.74
C GLY A 346 2.12 19.29 14.72
N GLY A 347 2.42 19.97 15.84
CA GLY A 347 1.45 20.39 16.85
C GLY A 347 1.51 19.54 18.10
N ARG A 348 0.87 20.02 19.18
CA ARG A 348 0.68 19.24 20.42
C ARG A 348 -0.81 19.12 20.71
N PHE A 349 -1.28 17.92 21.06
CA PHE A 349 -2.72 17.60 21.13
C PHE A 349 -3.05 16.81 22.39
N ALA A 350 -4.18 17.14 23.00
CA ALA A 350 -4.85 16.30 24.01
C ALA A 350 -5.55 15.18 23.24
N LEU A 351 -5.10 13.94 23.45
CA LEU A 351 -5.61 12.75 22.72
C LEU A 351 -6.38 11.90 23.73
N LYS A 352 -7.68 11.73 23.51
CA LYS A 352 -8.55 10.88 24.35
C LYS A 352 -9.11 9.78 23.45
N ILE A 353 -8.84 8.53 23.81
CA ILE A 353 -9.27 7.32 23.06
C ILE A 353 -10.15 6.46 23.96
N GLY A 354 -11.39 6.23 23.55
CA GLY A 354 -12.35 5.37 24.28
C GLY A 354 -13.46 4.91 23.35
N ASP A 355 -14.02 3.72 23.61
CA ASP A 355 -15.12 3.13 22.80
C ASP A 355 -14.74 3.13 21.32
N GLY A 356 -13.47 2.88 21.02
CA GLY A 356 -12.96 2.72 19.65
C GLY A 356 -12.86 4.03 18.87
N ARG A 357 -12.98 5.19 19.53
CA ARG A 357 -12.92 6.51 18.86
C ARG A 357 -11.90 7.42 19.57
N ALA A 358 -11.29 8.33 18.83
CA ALA A 358 -10.33 9.32 19.34
C ALA A 358 -10.90 10.74 19.22
N ARG A 359 -10.62 11.56 20.22
CA ARG A 359 -10.81 13.03 20.18
C ARG A 359 -9.43 13.66 20.36
N CYS A 360 -9.06 14.57 19.47
CA CYS A 360 -7.67 15.08 19.33
C CYS A 360 -7.71 16.61 19.19
N THR A 361 -7.49 17.35 20.29
CA THR A 361 -7.71 18.82 20.41
C THR A 361 -6.42 19.54 20.78
N PRO A 362 -6.25 20.82 20.37
CA PRO A 362 -5.03 21.58 20.67
C PRO A 362 -4.80 21.74 22.18
N THR A 363 -3.54 21.72 22.60
CA THR A 363 -3.18 21.97 24.03
C THR A 363 -1.76 22.50 24.12
N ASP A 364 -1.47 23.25 25.19
CA ASP A 364 -0.09 23.65 25.57
C ASP A 364 0.32 22.88 26.82
N ALA A 365 -0.49 21.93 27.29
CA ALA A 365 -0.13 21.03 28.42
C ALA A 365 1.15 20.26 28.09
N ALA A 366 1.93 19.90 29.11
CA ALA A 366 3.20 19.13 28.97
C ALA A 366 2.95 17.88 28.12
N ALA A 367 3.82 17.61 27.16
CA ALA A 367 3.75 16.40 26.29
C ALA A 367 4.07 15.16 27.13
N GLU A 368 3.27 14.09 26.98
CA GLU A 368 3.53 12.78 27.60
C GLU A 368 4.20 11.83 26.57
N ILE A 369 3.96 12.10 25.28
CA ILE A 369 4.48 11.30 24.13
C ILE A 369 4.99 12.28 23.09
N GLU A 370 6.20 12.04 22.57
CA GLU A 370 6.79 12.81 21.45
C GLU A 370 7.24 11.85 20.36
N MET A 371 7.05 12.23 19.10
CA MET A 371 7.56 11.49 17.91
C MET A 371 7.60 12.42 16.69
N ASP A 372 8.47 12.13 15.73
CA ASP A 372 8.46 12.81 14.41
C ASP A 372 7.20 12.38 13.65
N ARG A 373 6.79 13.18 12.67
CA ARG A 373 5.57 12.94 11.84
C ARG A 373 5.63 11.54 11.19
N ASP A 374 6.80 11.13 10.70
CA ASP A 374 6.97 9.85 9.96
C ASP A 374 6.57 8.68 10.87
N VAL A 375 6.87 8.78 12.16
CA VAL A 375 6.61 7.69 13.15
C VAL A 375 5.10 7.50 13.26
N LEU A 376 4.34 8.60 13.27
CA LEU A 376 2.87 8.52 13.37
C LEU A 376 2.32 7.80 12.12
N GLY A 377 2.86 8.11 10.94
CA GLY A 377 2.50 7.40 9.70
C GLY A 377 2.71 5.90 9.84
N SER A 378 3.84 5.47 10.41
CA SER A 378 4.18 4.04 10.63
C SER A 378 3.20 3.36 11.59
N LEU A 379 2.70 4.08 12.62
CA LEU A 379 1.74 3.54 13.62
C LEU A 379 0.34 3.42 13.03
N TYR A 380 0.02 4.27 12.05
CA TYR A 380 -1.39 4.69 11.75
C TYR A 380 -2.24 3.52 11.26
N LEU A 381 -1.72 2.60 10.45
CA LEU A 381 -2.50 1.44 9.93
C LEU A 381 -2.24 0.18 10.79
N GLY A 382 -1.48 0.29 11.88
CA GLY A 382 -1.24 -0.84 12.81
C GLY A 382 -0.13 -1.79 12.38
N ALA A 383 0.67 -1.47 11.36
CA ALA A 383 1.74 -2.37 10.85
C ALA A 383 2.95 -2.39 11.80
N HIS A 384 3.15 -1.34 12.59
CA HIS A 384 4.29 -1.21 13.53
C HIS A 384 3.75 -0.90 14.92
N ARG A 385 4.32 -1.56 15.95
CA ARG A 385 3.94 -1.35 17.37
C ARG A 385 4.66 -0.11 17.92
N ALA A 386 3.94 0.73 18.66
CA ALA A 386 4.50 1.87 19.44
C ALA A 386 5.67 1.38 20.30
N SER A 387 5.55 0.19 20.92
CA SER A 387 6.59 -0.40 21.80
C SER A 387 7.89 -0.60 21.01
N THR A 388 7.79 -1.06 19.77
CA THR A 388 8.96 -1.34 18.91
C THR A 388 9.64 -0.01 18.56
N LEU A 389 8.86 0.99 18.13
CA LEU A 389 9.37 2.34 17.80
C LEU A 389 9.99 3.01 19.04
N ALA A 390 9.38 2.80 20.22
CA ALA A 390 9.89 3.32 21.51
C ALA A 390 11.28 2.73 21.81
N ALA A 391 11.46 1.43 21.54
CA ALA A 391 12.72 0.71 21.82
C ALA A 391 13.87 1.27 20.97
N ALA A 392 13.56 1.92 19.84
CA ALA A 392 14.57 2.58 18.96
C ALA A 392 14.63 4.08 19.26
N ASN A 393 13.85 4.55 20.24
CA ASN A 393 13.78 5.98 20.65
C ASN A 393 13.18 6.86 19.54
N ARG A 394 12.40 6.29 18.61
CA ARG A 394 11.69 7.07 17.56
C ARG A 394 10.42 7.68 18.17
N LEU A 395 9.97 7.07 19.27
CA LEU A 395 8.77 7.45 20.06
C LEU A 395 9.25 7.55 21.52
N ARG A 396 9.04 8.71 22.16
CA ARG A 396 9.55 9.03 23.52
C ARG A 396 8.38 9.21 24.48
N THR A 397 8.36 8.41 25.53
CA THR A 397 7.51 8.60 26.74
C THR A 397 8.27 8.04 27.95
N LYS A 398 7.89 8.47 29.15
CA LYS A 398 8.46 7.97 30.43
C LYS A 398 7.50 6.96 31.06
N ASP A 399 6.31 6.78 30.45
CA ASP A 399 5.19 5.95 30.98
C ASP A 399 5.05 4.65 30.17
N SER A 400 5.47 3.51 30.73
CA SER A 400 5.40 2.19 30.06
C SER A 400 3.94 1.73 29.94
N GLN A 401 3.08 2.11 30.88
CA GLN A 401 1.62 1.83 30.84
C GLN A 401 1.00 2.53 29.61
N LEU A 402 1.38 3.79 29.37
CA LEU A 402 0.85 4.58 28.23
C LEU A 402 1.25 3.90 26.92
N LEU A 403 2.48 3.40 26.86
CA LEU A 403 3.02 2.67 25.68
C LEU A 403 2.17 1.42 25.40
N ARG A 404 1.84 0.65 26.44
CA ARG A 404 1.00 -0.56 26.30
C ARG A 404 -0.36 -0.15 25.74
N ARG A 405 -0.94 0.94 26.26
CA ARG A 405 -2.28 1.42 25.84
C ARG A 405 -2.26 1.88 24.38
N LEU A 406 -1.21 2.58 23.95
CA LEU A 406 -1.06 3.03 22.53
C LEU A 406 -0.95 1.82 21.62
N ASP A 407 -0.05 0.89 21.94
CA ASP A 407 0.11 -0.39 21.20
C ASP A 407 -1.26 -1.01 20.96
N ALA A 408 -2.04 -1.21 22.04
CA ALA A 408 -3.34 -1.91 21.99
C ALA A 408 -4.33 -1.10 21.15
N ALA A 409 -4.39 0.22 21.35
CA ALA A 409 -5.41 1.10 20.73
C ALA A 409 -5.17 1.20 19.22
N PHE A 410 -3.93 1.41 18.78
CA PHE A 410 -3.57 1.61 17.35
C PHE A 410 -3.55 0.27 16.59
N ALA A 411 -3.50 -0.86 17.29
CA ALA A 411 -3.55 -2.21 16.66
C ALA A 411 -4.80 -2.29 15.77
N SER A 412 -4.67 -2.92 14.61
CA SER A 412 -5.80 -3.17 13.67
C SER A 412 -6.35 -4.60 13.84
N ASP A 413 -7.64 -4.70 14.12
CA ASP A 413 -8.41 -5.97 14.15
C ASP A 413 -8.18 -6.75 12.84
N VAL A 414 -8.47 -6.11 11.70
CA VAL A 414 -8.23 -6.66 10.34
C VAL A 414 -6.79 -6.35 9.96
N PRO A 415 -5.94 -7.35 9.70
CA PRO A 415 -4.54 -7.09 9.31
C PRO A 415 -4.43 -6.14 8.11
N VAL A 416 -3.50 -5.20 8.18
CA VAL A 416 -3.22 -4.22 7.10
C VAL A 416 -2.60 -4.99 5.91
N GLN A 417 -3.09 -4.71 4.71
CA GLN A 417 -2.58 -5.31 3.45
C GLN A 417 -2.18 -4.18 2.50
N THR A 418 -1.51 -4.52 1.40
CA THR A 418 -1.10 -3.54 0.36
C THR A 418 -1.98 -3.78 -0.86
N ALA A 419 -2.61 -2.74 -1.39
CA ALA A 419 -3.61 -2.84 -2.48
C ALA A 419 -2.93 -3.02 -3.84
N PHE A 420 -2.32 -1.98 -4.37
CA PHE A 420 -1.58 -1.98 -5.66
C PHE A 420 -0.58 -0.84 -5.59
N GLU A 421 0.58 -1.07 -6.20
CA GLU A 421 1.69 -0.10 -6.25
C GLU A 421 1.28 1.06 -7.17
N PHE A 422 1.75 2.27 -6.87
CA PHE A 422 1.50 3.47 -7.71
C PHE A 422 2.74 4.36 -7.60
#